data_6HUH
#
_entry.id   6HUH
#
_cell.length_a   143.790
_cell.length_b   42.580
_cell.length_c   99.710
_cell.angle_alpha   90.00
_cell.angle_beta   114.37
_cell.angle_gamma   90.00
#
_symmetry.space_group_name_H-M   'C 1 2 1'
#
loop_
_entity.id
_entity.type
_entity.pdbx_description
1 polymer Beta-lactamase
2 non-polymer 'SULFATE ION'
3 water water
#
_entity_poly.entity_id   1
_entity_poly.type   'polypeptide(L)'
_entity_poly.pdbx_seq_one_letter_code
;MSRILLSSLLAAGLFCSLPASAATGCMLFADGSGKPFSAQGDCASQLPPASTF(KCX)IPLALMGYDSGFLVDEQLPALP
FKAGDPDFLPEWKQTTTPSRWMTYSVIWYSQRLTEWLGAARFQQYVDRFDYGNRDLSGNPGKHDGLTQAWLSSSLAISPQ
EQARFLGKLVSGKLPVSAQTLQHTANILRQPDIDGWQIHGKTGTGYPKLLDGSLDRDQQIGWFVGWASKQDQKLIFVHTV
IQKPGKQFASLRAREEVFAALPEQLKKLVEHHHHHHHH
;
_entity_poly.pdbx_strand_id   A,B
#
loop_
_chem_comp.id
_chem_comp.type
_chem_comp.name
_chem_comp.formula
SO4 non-polymer 'SULFATE ION' 'O4 S -2'
#
# COMPACT_ATOMS: atom_id res chain seq x y z
N THR A 24 2.37 18.67 -28.15
CA THR A 24 1.88 19.49 -27.04
C THR A 24 2.19 18.87 -25.65
N GLY A 25 3.20 17.98 -25.59
CA GLY A 25 3.69 17.38 -24.35
C GLY A 25 4.52 18.40 -23.58
N CYS A 26 4.78 18.16 -22.29
CA CYS A 26 5.53 19.14 -21.50
C CYS A 26 6.31 18.56 -20.28
N MET A 27 7.59 18.99 -20.06
CA MET A 27 8.35 18.66 -18.84
C MET A 27 8.80 19.92 -18.12
N LEU A 28 8.14 20.19 -17.01
CA LEU A 28 8.35 21.36 -16.17
C LEU A 28 8.97 21.01 -14.82
N PHE A 29 10.02 21.73 -14.42
CA PHE A 29 10.65 21.60 -13.09
C PHE A 29 10.59 22.94 -12.35
N ALA A 30 9.92 22.96 -11.18
CA ALA A 30 9.77 24.16 -10.35
C ALA A 30 10.45 24.04 -8.99
N ASP A 31 10.75 25.18 -8.33
CA ASP A 31 11.36 25.19 -6.99
C ASP A 31 10.32 24.97 -5.87
N GLY A 32 10.72 25.25 -4.62
CA GLY A 32 9.88 25.09 -3.43
C GLY A 32 8.58 25.86 -3.45
N SER A 33 8.63 27.18 -3.77
CA SER A 33 7.47 28.08 -3.84
C SER A 33 6.46 27.72 -4.93
N GLY A 34 6.90 26.93 -5.91
CA GLY A 34 6.13 26.51 -7.09
C GLY A 34 6.50 27.32 -8.31
N LYS A 35 7.63 28.06 -8.26
CA LYS A 35 8.12 28.89 -9.35
C LYS A 35 8.92 28.05 -10.39
N PRO A 36 8.42 27.87 -11.64
CA PRO A 36 9.19 27.08 -12.64
C PRO A 36 10.54 27.69 -12.99
N PHE A 37 11.55 26.82 -13.18
CA PHE A 37 12.91 27.23 -13.57
C PHE A 37 13.33 26.55 -14.89
N SER A 38 12.53 25.56 -15.32
CA SER A 38 12.72 24.80 -16.55
C SER A 38 11.39 24.29 -17.01
N ALA A 39 10.94 24.74 -18.17
CA ALA A 39 9.66 24.38 -18.76
C ALA A 39 9.91 24.12 -20.25
N GLN A 40 9.49 22.95 -20.76
CA GLN A 40 9.77 22.54 -22.14
C GLN A 40 8.54 21.89 -22.81
N GLY A 41 7.93 22.61 -23.72
CA GLY A 41 6.72 22.19 -24.42
C GLY A 41 5.56 23.09 -24.05
N ASP A 42 4.32 22.53 -24.10
CA ASP A 42 3.09 23.27 -23.81
C ASP A 42 2.76 23.33 -22.31
N CYS A 43 3.54 24.13 -21.59
CA CYS A 43 3.48 24.31 -20.14
C CYS A 43 2.40 25.30 -19.66
N ALA A 44 1.78 26.07 -20.58
CA ALA A 44 0.77 27.09 -20.28
C ALA A 44 -0.65 26.75 -20.70
N SER A 45 -0.84 25.75 -21.56
CA SER A 45 -2.19 25.33 -21.96
C SER A 45 -2.89 24.54 -20.86
N GLN A 46 -4.19 24.80 -20.68
CA GLN A 46 -5.02 24.15 -19.68
C GLN A 46 -5.46 22.77 -20.18
N LEU A 47 -5.28 21.73 -19.35
CA LEU A 47 -5.69 20.37 -19.69
C LEU A 47 -6.53 19.71 -18.59
N PRO A 48 -7.39 18.70 -18.90
CA PRO A 48 -8.14 18.03 -17.82
C PRO A 48 -7.18 17.49 -16.75
N PRO A 49 -7.40 17.69 -15.43
CA PRO A 49 -6.42 17.17 -14.45
C PRO A 49 -6.47 15.65 -14.28
N ALA A 50 -7.60 15.03 -14.66
CA ALA A 50 -7.88 13.61 -14.55
C ALA A 50 -7.67 13.15 -13.10
N SER A 51 -6.90 12.07 -12.88
CA SER A 51 -6.68 11.55 -11.54
C SER A 51 -5.61 12.31 -10.72
N THR A 52 -5.04 13.41 -11.21
CA THR A 52 -4.12 14.23 -10.44
C THR A 52 -4.94 15.17 -9.51
N PHE A 53 -6.26 15.26 -9.75
CA PHE A 53 -7.16 16.06 -8.93
C PHE A 53 -7.35 15.34 -7.58
N KCX A 54 -6.88 14.06 -7.47
CA KCX A 54 -6.88 13.26 -6.24
CB KCX A 54 -6.55 11.79 -6.57
CB KCX A 54 -6.49 11.80 -6.58
CG KCX A 54 -7.81 10.91 -6.62
CG KCX A 54 -7.68 10.81 -6.62
CD KCX A 54 -7.56 9.56 -7.29
CD KCX A 54 -8.08 10.55 -8.08
CE KCX A 54 -8.84 9.06 -7.99
CE KCX A 54 -8.99 9.32 -8.19
NZ KCX A 54 -9.02 9.68 -9.33
NZ KCX A 54 -10.11 9.60 -9.12
C KCX A 54 -5.98 13.92 -5.18
O KCX A 54 -6.21 13.72 -3.98
CX KCX A 54 -10.15 10.28 -9.79
OQ1 KCX A 54 -10.28 10.79 -10.89
OQ2 KCX A 54 -11.22 10.34 -9.04
N ILE A 55 -4.99 14.76 -5.62
CA ILE A 55 -4.12 15.54 -4.71
C ILE A 55 -4.98 16.59 -3.94
N PRO A 56 -5.63 17.60 -4.61
CA PRO A 56 -6.51 18.52 -3.85
C PRO A 56 -7.64 17.82 -3.09
N LEU A 57 -8.15 16.68 -3.62
CA LEU A 57 -9.18 15.87 -2.98
C LEU A 57 -8.68 15.23 -1.66
N ALA A 58 -7.44 14.71 -1.64
CA ALA A 58 -6.82 14.14 -0.42
C ALA A 58 -6.75 15.21 0.68
N LEU A 59 -6.50 16.49 0.32
CA LEU A 59 -6.43 17.60 1.25
C LEU A 59 -7.81 17.97 1.80
N MET A 60 -8.83 18.05 0.90
CA MET A 60 -10.23 18.34 1.23
C MET A 60 -10.68 17.28 2.23
N GLY A 61 -10.51 16.02 1.83
CA GLY A 61 -10.84 14.83 2.61
C GLY A 61 -10.19 14.73 3.98
N TYR A 62 -8.93 15.12 4.10
CA TYR A 62 -8.30 15.11 5.41
C TYR A 62 -8.63 16.34 6.25
N ASP A 63 -8.80 17.50 5.62
CA ASP A 63 -9.12 18.74 6.32
C ASP A 63 -10.52 18.70 6.92
N SER A 64 -11.51 18.17 6.16
CA SER A 64 -12.90 18.10 6.56
C SER A 64 -13.18 16.95 7.52
N GLY A 65 -12.36 15.89 7.46
CA GLY A 65 -12.51 14.74 8.33
C GLY A 65 -13.13 13.52 7.69
N PHE A 66 -13.41 13.59 6.37
CA PHE A 66 -13.97 12.45 5.63
C PHE A 66 -12.97 11.31 5.63
N LEU A 67 -11.69 11.66 5.35
CA LEU A 67 -10.59 10.71 5.34
C LEU A 67 -9.93 10.81 6.69
N VAL A 68 -9.71 9.66 7.33
CA VAL A 68 -9.15 9.58 8.69
C VAL A 68 -7.64 9.54 8.64
N ASP A 69 -7.11 8.55 7.90
CA ASP A 69 -5.69 8.30 7.67
C ASP A 69 -5.52 7.53 6.38
N GLU A 70 -4.45 6.75 6.27
CA GLU A 70 -4.10 6.01 5.06
C GLU A 70 -4.93 4.73 4.91
N GLN A 71 -5.41 4.21 6.03
CA GLN A 71 -6.18 2.98 6.08
C GLN A 71 -7.68 3.25 6.15
N LEU A 72 -8.06 4.41 6.73
CA LEU A 72 -9.47 4.72 6.95
C LEU A 72 -9.96 5.98 6.27
N PRO A 73 -11.23 5.99 5.80
CA PRO A 73 -12.22 4.88 5.82
C PRO A 73 -12.03 3.84 4.70
N ALA A 74 -12.37 2.58 4.99
CA ALA A 74 -12.32 1.50 4.02
C ALA A 74 -13.75 1.37 3.45
N LEU A 75 -14.03 2.13 2.40
CA LEU A 75 -15.37 2.14 1.81
C LEU A 75 -15.63 0.98 0.83
N PRO A 76 -16.77 0.25 0.92
CA PRO A 76 -17.01 -0.85 -0.02
C PRO A 76 -17.53 -0.40 -1.40
N PHE A 77 -17.24 -1.22 -2.43
CA PHE A 77 -17.75 -1.01 -3.78
C PHE A 77 -19.25 -1.35 -3.80
N LYS A 78 -20.07 -0.57 -4.49
CA LYS A 78 -21.51 -0.83 -4.57
C LYS A 78 -21.95 -0.99 -6.03
N ALA A 79 -23.03 -1.77 -6.29
CA ALA A 79 -23.61 -1.96 -7.63
C ALA A 79 -24.11 -0.61 -8.13
N GLY A 80 -23.59 -0.19 -9.27
CA GLY A 80 -23.89 1.11 -9.85
C GLY A 80 -22.70 2.05 -9.85
N ASP A 81 -21.56 1.61 -9.24
CA ASP A 81 -20.34 2.39 -9.22
C ASP A 81 -19.52 2.05 -10.46
N PRO A 82 -18.84 3.05 -11.07
CA PRO A 82 -18.00 2.75 -12.26
C PRO A 82 -16.98 1.65 -11.98
N ASP A 83 -16.96 0.63 -12.86
CA ASP A 83 -16.09 -0.54 -12.74
C ASP A 83 -15.27 -0.76 -14.02
N PHE A 84 -14.62 0.33 -14.49
CA PHE A 84 -13.80 0.33 -15.72
C PHE A 84 -12.51 -0.48 -15.55
N LEU A 85 -11.89 -0.40 -14.35
CA LEU A 85 -10.69 -1.14 -14.00
C LEU A 85 -11.07 -2.23 -13.00
N PRO A 86 -10.53 -3.47 -13.13
CA PRO A 86 -10.88 -4.53 -12.15
C PRO A 86 -10.51 -4.24 -10.69
N GLU A 87 -9.41 -3.47 -10.46
CA GLU A 87 -8.90 -3.08 -9.13
C GLU A 87 -9.85 -2.13 -8.35
N TRP A 88 -10.85 -1.57 -9.04
CA TRP A 88 -11.87 -0.70 -8.46
C TRP A 88 -12.97 -1.51 -7.79
N LYS A 89 -13.13 -2.79 -8.19
CA LYS A 89 -14.21 -3.69 -7.76
C LYS A 89 -14.19 -4.13 -6.27
N GLN A 90 -13.19 -3.72 -5.45
CA GLN A 90 -13.22 -4.11 -4.03
C GLN A 90 -13.25 -2.92 -3.08
N THR A 91 -13.14 -3.20 -1.75
CA THR A 91 -13.12 -2.21 -0.67
C THR A 91 -11.85 -1.35 -0.83
N THR A 92 -12.00 -0.03 -0.98
CA THR A 92 -10.82 0.80 -1.13
C THR A 92 -10.61 1.70 0.10
N THR A 93 -9.34 1.95 0.41
CA THR A 93 -8.86 2.78 1.51
C THR A 93 -8.21 4.02 0.85
N PRO A 94 -7.84 5.11 1.57
CA PRO A 94 -7.22 6.27 0.88
C PRO A 94 -5.88 5.96 0.18
N SER A 95 -5.18 4.90 0.65
CA SER A 95 -3.89 4.43 0.12
C SER A 95 -4.10 3.70 -1.23
N ARG A 96 -5.14 2.88 -1.29
CA ARG A 96 -5.57 2.09 -2.45
C ARG A 96 -6.26 3.02 -3.49
N TRP A 97 -6.89 4.13 -3.00
CA TRP A 97 -7.57 5.16 -3.80
C TRP A 97 -6.59 5.84 -4.72
N MET A 98 -5.47 6.31 -4.15
CA MET A 98 -4.38 6.98 -4.85
C MET A 98 -3.72 6.05 -5.85
N THR A 99 -3.41 4.80 -5.40
CA THR A 99 -2.74 3.76 -6.16
C THR A 99 -3.49 3.38 -7.46
N TYR A 100 -4.70 2.81 -7.37
CA TYR A 100 -5.48 2.36 -8.53
C TYR A 100 -6.44 3.45 -9.09
N SER A 101 -6.25 4.75 -8.71
CA SER A 101 -7.06 5.90 -9.17
C SER A 101 -8.56 5.54 -9.19
N VAL A 102 -9.07 5.15 -8.02
CA VAL A 102 -10.46 4.74 -7.82
C VAL A 102 -11.34 5.98 -7.84
N ILE A 103 -12.06 6.17 -8.97
CA ILE A 103 -12.90 7.34 -9.16
C ILE A 103 -14.13 7.34 -8.28
N TRP A 104 -14.74 6.15 -8.01
CA TRP A 104 -15.95 6.08 -7.19
C TRP A 104 -15.70 6.52 -5.74
N TYR A 105 -14.47 6.32 -5.24
CA TYR A 105 -14.06 6.73 -3.90
C TYR A 105 -13.92 8.27 -3.82
N SER A 106 -13.64 8.91 -4.97
CA SER A 106 -13.54 10.37 -5.04
C SER A 106 -14.93 10.98 -5.01
N GLN A 107 -15.92 10.30 -5.69
CA GLN A 107 -17.33 10.71 -5.75
C GLN A 107 -17.97 10.57 -4.38
N ARG A 108 -17.59 9.53 -3.62
CA ARG A 108 -18.06 9.30 -2.25
C ARG A 108 -17.67 10.46 -1.35
N LEU A 109 -16.43 10.95 -1.52
CA LEU A 109 -15.90 12.10 -0.81
C LEU A 109 -16.63 13.38 -1.21
N THR A 110 -16.76 13.67 -2.53
CA THR A 110 -17.41 14.90 -3.01
C THR A 110 -18.89 14.98 -2.62
N GLU A 111 -19.65 13.86 -2.73
CA GLU A 111 -21.08 13.78 -2.35
C GLU A 111 -21.27 14.12 -0.87
N TRP A 112 -20.30 13.72 -0.04
CA TRP A 112 -20.22 13.97 1.40
C TRP A 112 -19.86 15.44 1.70
N LEU A 113 -18.98 16.07 0.89
CA LEU A 113 -18.56 17.45 1.11
C LEU A 113 -19.67 18.44 0.79
N GLY A 114 -20.33 18.19 -0.34
CA GLY A 114 -21.36 19.05 -0.88
C GLY A 114 -20.72 19.95 -1.91
N ALA A 115 -21.50 20.40 -2.89
CA ALA A 115 -21.01 21.24 -3.98
C ALA A 115 -20.49 22.59 -3.52
N ALA A 116 -21.06 23.15 -2.43
CA ALA A 116 -20.66 24.45 -1.85
C ALA A 116 -19.25 24.41 -1.25
N ARG A 117 -18.94 23.38 -0.41
CA ARG A 117 -17.62 23.20 0.22
C ARG A 117 -16.58 22.87 -0.86
N PHE A 118 -16.95 22.00 -1.83
CA PHE A 118 -16.12 21.57 -2.96
C PHE A 118 -15.60 22.81 -3.68
N GLN A 119 -16.53 23.69 -4.09
CA GLN A 119 -16.24 24.95 -4.75
C GLN A 119 -15.40 25.85 -3.84
N GLN A 120 -15.70 25.93 -2.53
CA GLN A 120 -14.91 26.77 -1.60
C GLN A 120 -13.44 26.36 -1.58
N TYR A 121 -13.20 25.02 -1.51
CA TYR A 121 -11.87 24.42 -1.51
C TYR A 121 -11.19 24.71 -2.86
N VAL A 122 -11.84 24.40 -4.01
CA VAL A 122 -11.28 24.64 -5.37
C VAL A 122 -10.92 26.12 -5.56
N ASP A 123 -11.74 27.05 -5.02
CA ASP A 123 -11.47 28.49 -5.06
C ASP A 123 -10.26 28.84 -4.16
N ARG A 124 -10.27 28.42 -2.86
CA ARG A 124 -9.19 28.73 -1.91
C ARG A 124 -7.86 28.15 -2.32
N PHE A 125 -7.89 27.01 -3.04
CA PHE A 125 -6.75 26.29 -3.60
C PHE A 125 -6.32 26.91 -4.95
N ASP A 126 -7.17 27.79 -5.54
CA ASP A 126 -6.96 28.50 -6.81
C ASP A 126 -6.67 27.49 -7.94
N TYR A 127 -7.34 26.33 -7.86
CA TYR A 127 -7.10 25.22 -8.76
C TYR A 127 -7.52 25.47 -10.21
N GLY A 128 -6.53 25.73 -11.07
CA GLY A 128 -6.69 25.95 -12.50
C GLY A 128 -7.78 26.93 -12.89
N ASN A 129 -8.75 26.47 -13.73
CA ASN A 129 -9.87 27.31 -14.18
C ASN A 129 -11.00 27.36 -13.17
N ARG A 130 -10.96 26.48 -12.17
CA ARG A 130 -11.92 26.41 -11.06
C ARG A 130 -13.38 26.05 -11.52
N ASP A 131 -13.55 25.67 -12.81
CA ASP A 131 -14.87 25.33 -13.35
C ASP A 131 -15.34 23.94 -12.93
N LEU A 132 -16.32 23.88 -12.04
CA LEU A 132 -16.83 22.57 -11.58
C LEU A 132 -18.30 22.39 -12.00
N SER A 133 -18.69 22.97 -13.15
CA SER A 133 -20.05 22.87 -13.66
C SER A 133 -20.34 21.52 -14.30
N GLY A 134 -19.27 20.83 -14.71
CA GLY A 134 -19.33 19.52 -15.34
C GLY A 134 -19.72 19.55 -16.81
N ASN A 135 -20.38 18.45 -17.24
CA ASN A 135 -20.85 18.25 -18.61
C ASN A 135 -22.06 19.14 -18.90
N PRO A 136 -22.27 19.57 -20.17
CA PRO A 136 -23.40 20.47 -20.45
C PRO A 136 -24.76 19.78 -20.37
N GLY A 137 -25.68 20.41 -19.62
CA GLY A 137 -27.04 19.95 -19.40
C GLY A 137 -27.21 19.28 -18.06
N LYS A 138 -26.78 18.02 -18.00
CA LYS A 138 -26.77 17.21 -16.78
C LYS A 138 -25.82 17.92 -15.86
N HIS A 139 -26.33 18.45 -14.74
CA HIS A 139 -25.51 19.25 -13.85
C HIS A 139 -24.70 18.40 -12.84
N ASP A 140 -24.15 17.26 -13.30
CA ASP A 140 -23.31 16.39 -12.48
C ASP A 140 -21.85 16.87 -12.33
N GLY A 141 -21.67 18.11 -11.91
CA GLY A 141 -20.35 18.68 -11.70
C GLY A 141 -19.65 18.14 -10.47
N LEU A 142 -20.42 17.82 -9.42
CA LEU A 142 -19.93 17.33 -8.14
C LEU A 142 -19.09 16.05 -8.24
N THR A 143 -19.48 15.12 -9.11
CA THR A 143 -18.79 13.84 -9.21
C THR A 143 -18.05 13.64 -10.52
N GLN A 144 -18.20 14.57 -11.49
CA GLN A 144 -17.62 14.45 -12.83
C GLN A 144 -16.81 15.64 -13.34
N ALA A 145 -16.51 16.66 -12.51
CA ALA A 145 -15.80 17.87 -12.95
C ALA A 145 -14.38 17.63 -13.46
N TRP A 146 -13.61 16.79 -12.77
CA TRP A 146 -12.23 16.46 -13.11
C TRP A 146 -12.12 15.36 -14.16
N LEU A 147 -13.20 14.56 -14.32
CA LEU A 147 -13.31 13.47 -15.27
C LEU A 147 -13.49 13.92 -16.75
N SER A 148 -12.45 14.58 -17.30
CA SER A 148 -12.36 15.10 -18.69
C SER A 148 -13.59 15.96 -19.10
N SER A 149 -13.89 17.02 -18.31
CA SER A 149 -15.02 17.90 -18.58
C SER A 149 -14.70 19.41 -18.35
N SER A 150 -15.46 20.08 -17.44
CA SER A 150 -15.37 21.50 -17.10
C SER A 150 -14.02 21.93 -16.59
N LEU A 151 -13.52 21.27 -15.52
CA LEU A 151 -12.23 21.58 -14.90
C LEU A 151 -11.04 21.31 -15.82
N ALA A 152 -10.05 22.22 -15.78
CA ALA A 152 -8.81 22.19 -16.56
C ALA A 152 -7.69 22.95 -15.84
N ILE A 153 -6.51 22.36 -15.81
CA ILE A 153 -5.34 22.97 -15.19
C ILE A 153 -4.14 22.92 -16.16
N SER A 154 -3.36 24.00 -16.19
CA SER A 154 -2.15 24.06 -17.01
C SER A 154 -0.95 23.52 -16.18
N PRO A 155 0.08 22.90 -16.84
CA PRO A 155 1.23 22.39 -16.05
C PRO A 155 1.88 23.43 -15.12
N GLN A 156 1.84 24.73 -15.52
CA GLN A 156 2.34 25.87 -14.76
C GLN A 156 1.52 26.02 -13.49
N GLU A 157 0.18 26.10 -13.65
CA GLU A 157 -0.78 26.23 -12.55
C GLU A 157 -0.66 25.09 -11.55
N GLN A 158 -0.50 23.81 -12.04
CA GLN A 158 -0.29 22.58 -11.23
C GLN A 158 0.90 22.70 -10.29
N ALA A 159 2.03 23.24 -10.81
CA ALA A 159 3.29 23.50 -10.09
C ALA A 159 3.07 24.56 -9.04
N ARG A 160 2.31 25.62 -9.37
CA ARG A 160 1.97 26.72 -8.48
C ARG A 160 1.17 26.16 -7.29
N PHE A 161 0.11 25.37 -7.59
CA PHE A 161 -0.74 24.69 -6.60
C PHE A 161 0.10 23.81 -5.65
N LEU A 162 0.91 22.88 -6.22
CA LEU A 162 1.81 21.95 -5.55
C LEU A 162 2.78 22.71 -4.64
N GLY A 163 3.25 23.86 -5.11
CA GLY A 163 4.16 24.74 -4.38
C GLY A 163 3.55 25.35 -3.14
N LYS A 164 2.22 25.58 -3.16
CA LYS A 164 1.50 26.13 -2.02
C LYS A 164 1.30 25.03 -0.96
N LEU A 165 1.00 23.78 -1.38
CA LEU A 165 0.78 22.72 -0.41
C LEU A 165 2.13 22.31 0.22
N VAL A 166 3.23 22.35 -0.56
CA VAL A 166 4.56 22.01 -0.06
C VAL A 166 5.15 23.13 0.87
N SER A 167 4.71 24.40 0.69
CA SER A 167 5.17 25.56 1.45
C SER A 167 4.33 25.92 2.68
N GLY A 168 3.26 25.17 2.94
CA GLY A 168 2.36 25.43 4.06
C GLY A 168 1.43 26.61 3.78
N LYS A 169 1.34 27.00 2.49
CA LYS A 169 0.52 28.13 2.08
C LYS A 169 -0.99 27.81 2.00
N LEU A 170 -1.36 26.52 1.83
CA LEU A 170 -2.78 26.16 1.75
C LEU A 170 -3.43 26.12 3.16
N PRO A 171 -4.75 26.45 3.32
CA PRO A 171 -5.35 26.53 4.67
C PRO A 171 -5.65 25.19 5.33
N VAL A 172 -4.65 24.30 5.32
CA VAL A 172 -4.73 22.95 5.89
C VAL A 172 -3.64 22.78 6.93
N SER A 173 -3.83 21.79 7.82
CA SER A 173 -2.91 21.45 8.91
C SER A 173 -1.69 20.68 8.40
N ALA A 174 -0.68 20.50 9.29
CA ALA A 174 0.53 19.74 9.06
C ALA A 174 0.18 18.27 8.82
N GLN A 175 -0.66 17.69 9.71
CA GLN A 175 -1.11 16.30 9.63
C GLN A 175 -1.97 16.02 8.37
N THR A 176 -2.70 17.04 7.82
CA THR A 176 -3.43 16.89 6.56
C THR A 176 -2.39 16.73 5.46
N LEU A 177 -1.30 17.54 5.50
CA LEU A 177 -0.20 17.51 4.53
C LEU A 177 0.57 16.22 4.64
N GLN A 178 0.76 15.71 5.89
CA GLN A 178 1.47 14.44 6.09
C GLN A 178 0.66 13.23 5.63
N HIS A 179 -0.64 13.18 5.95
CA HIS A 179 -1.48 12.06 5.48
C HIS A 179 -1.54 12.03 3.93
N THR A 180 -1.70 13.21 3.31
CA THR A 180 -1.71 13.39 1.85
C THR A 180 -0.40 12.90 1.23
N ALA A 181 0.76 13.22 1.86
CA ALA A 181 2.10 12.83 1.47
C ALA A 181 2.25 11.30 1.50
N ASN A 182 1.84 10.69 2.61
CA ASN A 182 1.92 9.26 2.84
C ASN A 182 1.20 8.46 1.76
N ILE A 183 -0.09 8.71 1.56
CA ILE A 183 -0.87 8.02 0.52
C ILE A 183 -0.35 8.30 -0.92
N LEU A 184 0.40 9.42 -1.15
CA LEU A 184 1.00 9.85 -2.44
C LEU A 184 2.49 9.50 -2.66
N ARG A 185 3.16 8.92 -1.63
CA ARG A 185 4.57 8.53 -1.63
C ARG A 185 4.92 7.52 -2.73
N GLN A 186 6.08 7.74 -3.35
CA GLN A 186 6.68 7.00 -4.46
C GLN A 186 8.09 6.46 -4.07
N PRO A 187 8.72 5.55 -4.89
CA PRO A 187 10.07 5.08 -4.53
C PRO A 187 11.07 6.23 -4.50
N ASP A 188 12.02 6.13 -3.58
CA ASP A 188 13.09 7.07 -3.33
C ASP A 188 14.08 7.21 -4.50
N ILE A 189 14.92 8.26 -4.42
CA ILE A 189 16.07 8.57 -5.25
C ILE A 189 17.09 9.03 -4.19
N ASP A 190 18.20 8.28 -3.96
CA ASP A 190 19.19 8.55 -2.89
C ASP A 190 18.45 8.87 -1.55
N GLY A 191 18.65 10.08 -1.01
CA GLY A 191 18.01 10.49 0.23
C GLY A 191 16.74 11.28 0.04
N TRP A 192 16.33 11.48 -1.22
CA TRP A 192 15.15 12.23 -1.61
C TRP A 192 13.88 11.39 -1.47
N GLN A 193 12.85 12.02 -0.91
CA GLN A 193 11.54 11.44 -0.70
C GLN A 193 10.68 11.91 -1.85
N ILE A 194 10.16 10.98 -2.65
CA ILE A 194 9.34 11.29 -3.83
C ILE A 194 7.82 11.14 -3.55
N HIS A 195 7.06 12.16 -3.89
CA HIS A 195 5.61 12.11 -3.73
C HIS A 195 5.08 12.49 -5.09
N GLY A 196 4.17 11.68 -5.63
CA GLY A 196 3.65 11.91 -6.98
C GLY A 196 2.34 11.24 -7.34
N LYS A 197 1.75 11.67 -8.45
CA LYS A 197 0.47 11.14 -8.90
C LYS A 197 0.34 11.14 -10.43
N THR A 198 -0.10 10.00 -10.98
CA THR A 198 -0.36 9.84 -12.40
C THR A 198 -1.83 10.24 -12.70
N GLY A 199 -2.07 10.71 -13.91
CA GLY A 199 -3.40 11.09 -14.40
C GLY A 199 -3.54 10.78 -15.89
N THR A 200 -4.74 10.34 -16.33
CA THR A 200 -5.04 10.05 -17.73
C THR A 200 -6.42 10.59 -18.08
N GLY A 201 -6.41 11.54 -19.02
CA GLY A 201 -7.62 12.17 -19.53
C GLY A 201 -7.52 12.61 -20.98
N TYR A 202 -8.67 12.91 -21.56
CA TYR A 202 -8.76 13.38 -22.93
C TYR A 202 -9.24 14.82 -22.92
N PRO A 203 -8.72 15.69 -23.81
CA PRO A 203 -9.19 17.09 -23.81
C PRO A 203 -10.67 17.14 -24.15
N LYS A 204 -11.46 17.82 -23.32
CA LYS A 204 -12.93 17.95 -23.53
C LYS A 204 -13.20 18.32 -25.00
N LEU A 205 -13.53 17.31 -25.82
CA LEU A 205 -13.82 17.51 -27.27
C LEU A 205 -12.70 18.34 -27.90
N LEU A 206 -12.87 19.66 -27.94
CA LEU A 206 -11.84 20.57 -28.53
C LEU A 206 -11.62 21.77 -27.59
N ASP A 207 -10.79 21.59 -26.57
CA ASP A 207 -10.48 22.68 -25.60
C ASP A 207 -8.97 22.91 -25.55
N GLY A 208 -8.26 22.56 -26.63
CA GLY A 208 -6.80 22.73 -26.70
C GLY A 208 -6.35 23.08 -28.11
N SER A 209 -6.70 22.24 -29.09
CA SER A 209 -6.32 22.47 -30.50
C SER A 209 -7.08 21.49 -31.40
N LEU A 210 -8.42 21.56 -31.40
CA LEU A 210 -9.39 20.77 -32.21
C LEU A 210 -9.55 19.29 -31.80
N ASP A 211 -10.52 18.57 -32.41
CA ASP A 211 -10.75 17.17 -32.10
C ASP A 211 -9.51 16.38 -32.51
N ARG A 212 -8.91 15.62 -31.54
CA ARG A 212 -7.70 14.84 -31.78
C ARG A 212 -7.73 13.40 -31.24
N ASP A 213 -8.53 13.14 -30.17
CA ASP A 213 -8.64 11.82 -29.52
C ASP A 213 -7.25 11.34 -28.99
N GLN A 214 -6.56 12.28 -28.32
CA GLN A 214 -5.24 12.06 -27.77
C GLN A 214 -5.28 12.01 -26.25
N GLN A 215 -4.58 11.02 -25.69
CA GLN A 215 -4.44 10.76 -24.27
C GLN A 215 -3.49 11.77 -23.64
N ILE A 216 -3.82 12.25 -22.42
CA ILE A 216 -2.94 13.13 -21.66
C ILE A 216 -2.47 12.36 -20.45
N GLY A 217 -1.17 12.11 -20.41
CA GLY A 217 -0.55 11.44 -19.28
C GLY A 217 -0.05 12.48 -18.33
N TRP A 218 -0.20 12.26 -17.06
CA TRP A 218 0.29 13.24 -16.11
C TRP A 218 1.16 12.56 -15.05
N PHE A 219 2.29 13.15 -14.70
CA PHE A 219 3.07 12.76 -13.55
C PHE A 219 3.54 13.99 -12.80
N VAL A 220 2.77 14.35 -11.77
CA VAL A 220 2.93 15.56 -10.97
C VAL A 220 3.31 15.21 -9.58
N GLY A 221 4.10 16.06 -8.94
CA GLY A 221 4.55 15.80 -7.57
C GLY A 221 5.78 16.55 -7.16
N TRP A 222 6.35 16.17 -6.04
CA TRP A 222 7.54 16.82 -5.51
C TRP A 222 8.48 15.84 -4.91
N ALA A 223 9.70 16.28 -4.65
CA ALA A 223 10.79 15.53 -4.06
C ALA A 223 11.38 16.35 -2.92
N SER A 224 11.62 15.72 -1.76
CA SER A 224 12.18 16.43 -0.62
C SER A 224 13.39 15.73 0.03
N LYS A 225 14.29 16.52 0.59
CA LYS A 225 15.48 16.05 1.29
C LYS A 225 15.79 17.19 2.24
N GLN A 226 15.27 17.05 3.47
CA GLN A 226 15.30 17.99 4.60
C GLN A 226 14.79 19.38 4.17
N ASP A 227 15.66 20.40 4.17
CA ASP A 227 15.31 21.76 3.76
C ASP A 227 14.85 21.83 2.29
N GLN A 228 15.67 21.28 1.37
CA GLN A 228 15.43 21.31 -0.07
C GLN A 228 14.17 20.57 -0.53
N LYS A 229 13.42 21.21 -1.43
CA LYS A 229 12.20 20.69 -2.06
C LYS A 229 12.19 21.05 -3.55
N LEU A 230 11.53 20.24 -4.40
CA LEU A 230 11.49 20.45 -5.85
C LEU A 230 10.20 19.90 -6.44
N ILE A 231 9.40 20.79 -7.05
CA ILE A 231 8.15 20.42 -7.73
C ILE A 231 8.53 19.93 -9.16
N PHE A 232 7.67 19.12 -9.79
CA PHE A 232 7.83 18.61 -11.15
C PHE A 232 6.46 18.26 -11.73
N VAL A 233 6.25 18.61 -13.01
CA VAL A 233 5.00 18.38 -13.72
C VAL A 233 5.39 17.87 -15.10
N HIS A 234 4.77 16.77 -15.54
CA HIS A 234 5.05 16.22 -16.88
C HIS A 234 3.80 15.69 -17.56
N THR A 235 3.63 16.03 -18.85
CA THR A 235 2.50 15.54 -19.66
C THR A 235 2.97 14.74 -20.85
N VAL A 236 2.19 13.71 -21.21
CA VAL A 236 2.47 12.88 -22.37
C VAL A 236 1.24 12.93 -23.25
N ILE A 237 1.40 13.45 -24.46
CA ILE A 237 0.27 13.47 -25.40
C ILE A 237 0.55 12.42 -26.46
N GLN A 238 -0.32 11.40 -26.53
CA GLN A 238 -0.17 10.30 -27.47
C GLN A 238 -1.49 9.68 -27.88
N LYS A 239 -1.44 8.87 -28.95
CA LYS A 239 -2.56 8.08 -29.44
C LYS A 239 -2.53 6.84 -28.55
N PRO A 240 -3.67 6.35 -28.03
CA PRO A 240 -3.63 5.15 -27.18
C PRO A 240 -3.02 3.96 -27.92
N GLY A 241 -2.19 3.19 -27.21
CA GLY A 241 -1.54 2.02 -27.77
C GLY A 241 -0.26 1.60 -27.08
N LYS A 242 -0.21 0.29 -26.71
CA LYS A 242 0.87 -0.46 -26.03
C LYS A 242 1.22 0.07 -24.64
N GLN A 243 1.59 1.37 -24.52
CA GLN A 243 1.94 1.99 -23.24
C GLN A 243 0.89 3.00 -22.80
N PHE A 244 0.57 3.02 -21.49
CA PHE A 244 -0.38 3.98 -20.93
C PHE A 244 0.34 5.30 -20.83
N ALA A 245 -0.22 6.37 -21.41
CA ALA A 245 0.33 7.73 -21.43
C ALA A 245 0.94 8.20 -20.09
N SER A 246 0.22 8.02 -18.95
CA SER A 246 0.67 8.40 -17.61
C SER A 246 1.83 7.55 -17.06
N LEU A 247 1.96 6.29 -17.51
CA LEU A 247 3.03 5.40 -17.08
C LEU A 247 4.36 5.72 -17.83
N ARG A 248 4.24 6.37 -18.99
CA ARG A 248 5.33 6.84 -19.81
C ARG A 248 5.79 8.18 -19.21
N ALA A 249 4.88 8.87 -18.51
CA ALA A 249 5.16 10.16 -17.86
C ALA A 249 5.99 9.91 -16.59
N ARG A 250 5.52 8.97 -15.71
CA ARG A 250 6.14 8.54 -14.45
C ARG A 250 7.57 8.04 -14.66
N GLU A 251 7.74 7.26 -15.73
CA GLU A 251 9.00 6.68 -16.19
C GLU A 251 10.00 7.80 -16.53
N GLU A 252 9.58 8.77 -17.37
CA GLU A 252 10.38 9.91 -17.86
C GLU A 252 10.78 10.89 -16.75
N VAL A 253 9.97 10.99 -15.70
CA VAL A 253 10.26 11.86 -14.56
C VAL A 253 11.38 11.22 -13.73
N PHE A 254 11.25 9.91 -13.46
CA PHE A 254 12.24 9.13 -12.70
C PHE A 254 13.57 9.02 -13.41
N ALA A 255 13.56 9.15 -14.75
CA ALA A 255 14.78 9.11 -15.56
C ALA A 255 15.52 10.44 -15.35
N ALA A 256 14.85 11.57 -15.70
CA ALA A 256 15.32 12.96 -15.69
C ALA A 256 15.36 13.70 -14.33
N LEU A 257 14.92 13.04 -13.23
CA LEU A 257 14.87 13.64 -11.90
C LEU A 257 16.25 13.78 -11.21
N PRO A 258 17.10 12.73 -11.15
CA PRO A 258 18.37 12.86 -10.43
C PRO A 258 19.26 14.03 -10.87
N GLU A 259 19.26 14.40 -12.14
CA GLU A 259 20.06 15.56 -12.56
C GLU A 259 19.54 16.88 -11.94
N GLN A 260 18.20 17.08 -11.88
CA GLN A 260 17.55 18.26 -11.31
C GLN A 260 17.78 18.38 -9.84
N LEU A 261 17.86 17.21 -9.15
CA LEU A 261 18.10 17.10 -7.72
C LEU A 261 19.56 17.46 -7.47
N LYS A 262 20.46 16.95 -8.32
CA LYS A 262 21.90 17.21 -8.26
C LYS A 262 22.16 18.71 -8.51
N LYS A 263 21.45 19.29 -9.51
CA LYS A 263 21.50 20.72 -9.88
C LYS A 263 21.04 21.55 -8.68
N LEU A 264 20.01 21.06 -7.96
CA LEU A 264 19.43 21.70 -6.78
C LEU A 264 20.39 21.72 -5.60
N VAL A 265 21.33 20.76 -5.53
CA VAL A 265 22.33 20.65 -4.45
C VAL A 265 23.73 21.10 -4.92
N THR B 24 -9.81 -26.72 19.05
CA THR B 24 -8.90 -26.79 17.90
C THR B 24 -8.44 -25.34 17.54
N GLY B 25 -9.36 -24.37 17.61
CA GLY B 25 -9.09 -22.94 17.43
C GLY B 25 -8.40 -22.38 18.66
N CYS B 26 -7.77 -21.21 18.56
CA CYS B 26 -7.06 -20.65 19.71
C CYS B 26 -6.93 -19.10 19.72
N MET B 27 -7.12 -18.44 20.91
CA MET B 27 -7.02 -16.98 21.17
C MET B 27 -5.96 -16.64 22.24
N LEU B 28 -4.69 -16.47 21.84
CA LEU B 28 -3.58 -16.23 22.75
C LEU B 28 -3.13 -14.77 22.80
N PHE B 29 -2.96 -14.21 24.01
CA PHE B 29 -2.43 -12.87 24.21
C PHE B 29 -1.16 -12.93 25.08
N ALA B 30 -0.04 -12.45 24.53
CA ALA B 30 1.25 -12.46 25.23
C ALA B 30 1.79 -11.04 25.48
N ASP B 31 2.72 -10.87 26.45
CA ASP B 31 3.35 -9.58 26.75
C ASP B 31 4.49 -9.25 25.78
N GLY B 32 5.31 -8.25 26.13
CA GLY B 32 6.45 -7.78 25.36
C GLY B 32 7.49 -8.85 25.02
N SER B 33 7.94 -9.61 26.04
CA SER B 33 8.95 -10.68 25.89
C SER B 33 8.50 -11.87 25.04
N GLY B 34 7.18 -11.99 24.85
CA GLY B 34 6.52 -13.07 24.13
C GLY B 34 5.93 -14.11 25.07
N LYS B 35 5.83 -13.77 26.38
CA LYS B 35 5.30 -14.65 27.41
C LYS B 35 3.76 -14.60 27.46
N PRO B 36 3.04 -15.70 27.10
CA PRO B 36 1.57 -15.67 27.14
C PRO B 36 1.01 -15.45 28.54
N PHE B 37 -0.08 -14.65 28.64
CA PHE B 37 -0.78 -14.37 29.90
C PHE B 37 -2.24 -14.80 29.81
N SER B 38 -2.71 -15.13 28.58
CA SER B 38 -4.04 -15.61 28.28
C SER B 38 -3.97 -16.45 27.04
N ALA B 39 -4.29 -17.73 27.16
CA ALA B 39 -4.27 -18.69 26.07
C ALA B 39 -5.55 -19.54 26.19
N GLN B 40 -6.36 -19.63 25.13
CA GLN B 40 -7.65 -20.33 25.17
C GLN B 40 -7.89 -21.17 23.90
N GLY B 41 -7.85 -22.47 24.08
CA GLY B 41 -7.98 -23.44 23.00
C GLY B 41 -6.69 -24.20 22.79
N ASP B 42 -6.43 -24.65 21.54
CA ASP B 42 -5.23 -25.43 21.20
C ASP B 42 -4.02 -24.56 20.89
N CYS B 43 -3.46 -23.96 21.94
CA CYS B 43 -2.33 -23.03 21.89
C CYS B 43 -0.95 -23.68 21.81
N ALA B 44 -0.87 -25.01 22.03
CA ALA B 44 0.39 -25.77 22.04
C ALA B 44 0.60 -26.69 20.84
N SER B 45 -0.45 -27.02 20.08
CA SER B 45 -0.30 -27.85 18.89
C SER B 45 0.33 -27.10 17.74
N GLN B 46 1.22 -27.79 17.01
CA GLN B 46 1.94 -27.23 15.87
C GLN B 46 1.06 -27.24 14.64
N LEU B 47 0.97 -26.10 13.95
CA LEU B 47 0.17 -25.99 12.71
C LEU B 47 0.99 -25.36 11.56
N PRO B 48 0.63 -25.61 10.26
CA PRO B 48 1.37 -24.95 9.17
C PRO B 48 1.34 -23.43 9.34
N PRO B 49 2.48 -22.69 9.22
CA PRO B 49 2.40 -21.23 9.43
C PRO B 49 1.71 -20.48 8.29
N ALA B 50 1.67 -21.11 7.08
CA ALA B 50 1.10 -20.56 5.85
C ALA B 50 1.76 -19.20 5.52
N SER B 51 0.98 -18.16 5.21
CA SER B 51 1.51 -16.84 4.89
C SER B 51 2.03 -16.04 6.10
N THR B 52 1.90 -16.52 7.36
CA THR B 52 2.46 -15.83 8.53
C THR B 52 4.01 -16.01 8.57
N PHE B 53 4.53 -16.94 7.75
CA PHE B 53 5.95 -17.19 7.62
C PHE B 53 6.57 -16.02 6.84
N KCX B 54 5.73 -15.15 6.26
CA KCX B 54 6.17 -13.96 5.57
CB KCX B 54 5.08 -13.41 4.64
CB KCX B 54 5.10 -13.42 4.61
CG KCX B 54 5.07 -14.18 3.33
CG KCX B 54 5.08 -14.27 3.33
CD KCX B 54 3.99 -13.53 2.44
CD KCX B 54 3.75 -14.00 2.62
CE KCX B 54 3.60 -14.43 1.24
CE KCX B 54 3.72 -14.47 1.15
NZ KCX B 54 3.00 -15.73 1.66
NZ KCX B 54 3.65 -15.94 1.02
C KCX B 54 6.72 -12.92 6.57
O KCX B 54 7.40 -11.99 6.15
CX KCX B 54 3.59 -16.93 1.51
OQ1 KCX B 54 4.68 -17.01 0.96
OQ2 KCX B 54 2.97 -18.06 1.94
N ILE B 55 6.49 -13.10 7.89
CA ILE B 55 7.10 -12.27 8.94
C ILE B 55 8.62 -12.65 9.04
N PRO B 56 9.03 -13.92 9.38
CA PRO B 56 10.47 -14.24 9.36
C PRO B 56 11.14 -14.00 8.02
N LEU B 57 10.39 -14.17 6.90
CA LEU B 57 10.88 -13.91 5.53
C LEU B 57 11.21 -12.43 5.29
N ALA B 58 10.33 -11.51 5.78
CA ALA B 58 10.56 -10.06 5.68
C ALA B 58 11.88 -9.67 6.40
N LEU B 59 12.19 -10.36 7.51
CA LEU B 59 13.42 -10.11 8.29
C LEU B 59 14.65 -10.64 7.57
N MET B 60 14.57 -11.87 6.99
CA MET B 60 15.64 -12.51 6.21
C MET B 60 15.95 -11.59 5.04
N GLY B 61 14.91 -11.24 4.29
CA GLY B 61 14.96 -10.35 3.14
C GLY B 61 15.54 -8.98 3.40
N TYR B 62 15.24 -8.37 4.55
CA TYR B 62 15.83 -7.07 4.85
C TYR B 62 17.22 -7.18 5.42
N ASP B 63 17.50 -8.23 6.20
CA ASP B 63 18.81 -8.44 6.81
C ASP B 63 19.89 -8.75 5.78
N SER B 64 19.54 -9.60 4.79
CA SER B 64 20.46 -10.03 3.74
C SER B 64 20.63 -8.99 2.64
N GLY B 65 19.62 -8.15 2.44
CA GLY B 65 19.67 -7.10 1.43
C GLY B 65 18.86 -7.36 0.18
N PHE B 66 18.13 -8.50 0.15
CA PHE B 66 17.27 -8.85 -0.98
C PHE B 66 16.16 -7.81 -1.11
N LEU B 67 15.54 -7.46 0.03
CA LEU B 67 14.48 -6.47 0.11
C LEU B 67 15.17 -5.18 0.52
N VAL B 68 14.87 -4.09 -0.20
CA VAL B 68 15.50 -2.78 0.01
C VAL B 68 14.72 -1.98 1.02
N ASP B 69 13.42 -1.79 0.74
CA ASP B 69 12.44 -1.07 1.56
C ASP B 69 11.04 -1.57 1.23
N GLU B 70 10.03 -0.73 1.42
CA GLU B 70 8.62 -1.09 1.24
C GLU B 70 8.22 -1.10 -0.24
N GLN B 71 8.95 -0.33 -1.04
CA GLN B 71 8.67 -0.15 -2.47
C GLN B 71 9.61 -1.04 -3.30
N LEU B 72 10.82 -1.34 -2.78
CA LEU B 72 11.82 -2.09 -3.55
C LEU B 72 12.26 -3.39 -2.93
N PRO B 73 12.53 -4.43 -3.76
CA PRO B 73 12.43 -4.46 -5.23
C PRO B 73 11.01 -4.71 -5.76
N ALA B 74 10.68 -4.14 -6.93
CA ALA B 74 9.40 -4.35 -7.57
C ALA B 74 9.62 -5.46 -8.59
N LEU B 75 9.46 -6.71 -8.17
CA LEU B 75 9.72 -7.85 -9.04
C LEU B 75 8.54 -8.19 -9.97
N PRO B 76 8.76 -8.42 -11.29
CA PRO B 76 7.63 -8.76 -12.17
C PRO B 76 7.18 -10.22 -12.09
N PHE B 77 5.90 -10.46 -12.40
CA PHE B 77 5.31 -11.79 -12.49
C PHE B 77 5.86 -12.45 -13.79
N LYS B 78 6.20 -13.73 -13.72
CA LYS B 78 6.71 -14.45 -14.90
C LYS B 78 5.84 -15.65 -15.20
N ALA B 79 5.74 -16.06 -16.51
CA ALA B 79 4.97 -17.24 -16.93
C ALA B 79 5.61 -18.47 -16.29
N GLY B 80 4.82 -19.20 -15.52
CA GLY B 80 5.29 -20.36 -14.77
C GLY B 80 5.23 -20.13 -13.28
N ASP B 81 4.86 -18.92 -12.85
CA ASP B 81 4.72 -18.61 -11.42
C ASP B 81 3.29 -18.91 -10.99
N PRO B 82 3.09 -19.44 -9.75
CA PRO B 82 1.71 -19.72 -9.28
C PRO B 82 0.80 -18.49 -9.39
N ASP B 83 -0.37 -18.68 -10.03
CA ASP B 83 -1.35 -17.63 -10.28
C ASP B 83 -2.73 -18.03 -9.74
N PHE B 84 -2.77 -18.49 -8.48
CA PHE B 84 -4.01 -18.95 -7.81
C PHE B 84 -4.96 -17.79 -7.52
N LEU B 85 -4.40 -16.63 -7.12
CA LEU B 85 -5.16 -15.40 -6.85
C LEU B 85 -4.87 -14.40 -7.96
N PRO B 86 -5.90 -13.66 -8.47
CA PRO B 86 -5.66 -12.67 -9.54
C PRO B 86 -4.68 -11.55 -9.18
N GLU B 87 -4.63 -11.13 -7.90
CA GLU B 87 -3.75 -10.06 -7.38
C GLU B 87 -2.25 -10.39 -7.43
N TRP B 88 -1.92 -11.68 -7.67
CA TRP B 88 -0.56 -12.18 -7.80
C TRP B 88 -0.02 -11.93 -9.21
N LYS B 89 -0.91 -11.76 -10.20
CA LYS B 89 -0.60 -11.63 -11.63
C LYS B 89 0.18 -10.35 -12.05
N GLN B 90 0.49 -9.39 -11.13
CA GLN B 90 1.25 -8.21 -11.54
C GLN B 90 2.58 -8.05 -10.79
N THR B 91 3.29 -6.92 -11.04
CA THR B 91 4.56 -6.54 -10.41
C THR B 91 4.32 -6.34 -8.91
N THR B 92 5.06 -7.08 -8.09
CA THR B 92 4.91 -7.06 -6.65
C THR B 92 6.05 -6.35 -5.95
N THR B 93 5.74 -5.54 -4.92
CA THR B 93 6.70 -4.83 -4.07
C THR B 93 6.61 -5.50 -2.67
N PRO B 94 7.52 -5.25 -1.69
CA PRO B 94 7.38 -5.91 -0.37
C PRO B 94 6.08 -5.56 0.38
N SER B 95 5.50 -4.39 0.06
CA SER B 95 4.25 -3.87 0.64
C SER B 95 3.03 -4.64 0.11
N ARG B 96 3.03 -4.89 -1.21
CA ARG B 96 2.03 -5.63 -1.96
C ARG B 96 2.16 -7.15 -1.66
N TRP B 97 3.39 -7.63 -1.36
CA TRP B 97 3.75 -9.01 -1.02
C TRP B 97 2.99 -9.44 0.22
N MET B 98 3.09 -8.63 1.28
CA MET B 98 2.42 -8.85 2.55
C MET B 98 0.91 -8.79 2.42
N THR B 99 0.37 -7.79 1.66
CA THR B 99 -1.06 -7.60 1.54
C THR B 99 -1.76 -8.75 0.79
N TYR B 100 -1.37 -9.05 -0.44
CA TYR B 100 -2.05 -10.11 -1.19
C TYR B 100 -1.37 -11.52 -1.06
N SER B 101 -0.51 -11.71 -0.01
CA SER B 101 0.17 -12.97 0.28
C SER B 101 0.73 -13.62 -1.00
N VAL B 102 1.56 -12.86 -1.72
CA VAL B 102 2.15 -13.29 -2.99
C VAL B 102 3.24 -14.32 -2.71
N ILE B 103 2.93 -15.60 -2.98
CA ILE B 103 3.82 -16.71 -2.69
C ILE B 103 5.02 -16.73 -3.62
N TRP B 104 4.85 -16.36 -4.91
CA TRP B 104 5.97 -16.37 -5.88
C TRP B 104 7.08 -15.39 -5.50
N TYR B 105 6.72 -14.27 -4.84
CA TYR B 105 7.66 -13.26 -4.36
C TYR B 105 8.47 -13.80 -3.17
N SER B 106 7.89 -14.76 -2.41
CA SER B 106 8.60 -15.38 -1.29
C SER B 106 9.61 -16.38 -1.81
N GLN B 107 9.25 -17.12 -2.90
CA GLN B 107 10.11 -18.10 -3.57
C GLN B 107 11.30 -17.40 -4.23
N ARG B 108 11.08 -16.19 -4.80
CA ARG B 108 12.13 -15.36 -5.41
C ARG B 108 13.17 -15.02 -4.38
N LEU B 109 12.72 -14.67 -3.15
CA LEU B 109 13.58 -14.37 -2.01
C LEU B 109 14.35 -15.60 -1.57
N THR B 110 13.67 -16.75 -1.32
CA THR B 110 14.31 -17.98 -0.83
C THR B 110 15.33 -18.54 -1.83
N GLU B 111 15.01 -18.55 -3.16
CA GLU B 111 15.92 -19.02 -4.23
C GLU B 111 17.22 -18.22 -4.24
N TRP B 112 17.11 -16.91 -3.92
CA TRP B 112 18.20 -15.95 -3.82
C TRP B 112 19.04 -16.18 -2.54
N LEU B 113 18.38 -16.54 -1.42
CA LEU B 113 19.09 -16.76 -0.14
C LEU B 113 19.94 -18.02 -0.17
N GLY B 114 19.33 -19.09 -0.70
CA GLY B 114 19.91 -20.41 -0.74
C GLY B 114 19.38 -21.18 0.45
N ALA B 115 19.31 -22.50 0.31
CA ALA B 115 18.78 -23.37 1.36
C ALA B 115 19.60 -23.33 2.65
N ALA B 116 20.94 -23.09 2.54
CA ALA B 116 21.84 -23.02 3.70
C ALA B 116 21.57 -21.81 4.59
N ARG B 117 21.44 -20.61 3.99
CA ARG B 117 21.15 -19.35 4.70
C ARG B 117 19.73 -19.41 5.29
N PHE B 118 18.77 -19.93 4.49
CA PHE B 118 17.36 -20.11 4.87
C PHE B 118 17.29 -20.88 6.18
N GLN B 119 17.93 -22.06 6.21
CA GLN B 119 18.03 -22.92 7.38
C GLN B 119 18.74 -22.20 8.51
N GLN B 120 19.83 -21.45 8.25
CA GLN B 120 20.55 -20.72 9.31
C GLN B 120 19.63 -19.72 10.03
N TYR B 121 18.84 -18.96 9.23
CA TYR B 121 17.88 -17.98 9.72
C TYR B 121 16.78 -18.70 10.51
N VAL B 122 16.13 -19.76 9.95
CA VAL B 122 15.06 -20.54 10.63
C VAL B 122 15.56 -21.12 11.96
N ASP B 123 16.83 -21.56 12.01
CA ASP B 123 17.46 -22.06 13.24
C ASP B 123 17.68 -20.93 14.25
N ARG B 124 18.36 -19.82 13.83
CA ARG B 124 18.65 -18.68 14.71
C ARG B 124 17.41 -17.98 15.23
N PHE B 125 16.31 -18.04 14.45
CA PHE B 125 14.98 -17.51 14.78
C PHE B 125 14.20 -18.51 15.64
N ASP B 126 14.68 -19.78 15.75
CA ASP B 126 14.08 -20.90 16.52
C ASP B 126 12.64 -21.12 16.08
N TYR B 127 12.37 -20.92 14.79
CA TYR B 127 11.03 -20.96 14.23
C TYR B 127 10.38 -22.35 14.25
N GLY B 128 9.45 -22.53 15.19
CA GLY B 128 8.65 -23.75 15.37
C GLY B 128 9.45 -25.04 15.35
N ASN B 129 9.09 -25.96 14.42
CA ASN B 129 9.78 -27.26 14.32
C ASN B 129 11.04 -27.18 13.48
N ARG B 130 11.23 -26.04 12.77
CA ARG B 130 12.40 -25.72 11.96
C ARG B 130 12.60 -26.70 10.75
N ASP B 131 11.59 -27.56 10.47
CA ASP B 131 11.67 -28.52 9.36
C ASP B 131 11.41 -27.88 8.01
N LEU B 132 12.46 -27.74 7.20
CA LEU B 132 12.31 -27.12 5.88
C LEU B 132 12.62 -28.14 4.77
N SER B 133 12.35 -29.43 5.02
CA SER B 133 12.60 -30.50 4.05
C SER B 133 11.55 -30.52 2.93
N GLY B 134 10.39 -29.95 3.21
CA GLY B 134 9.27 -29.87 2.29
C GLY B 134 8.46 -31.15 2.17
N ASN B 135 7.88 -31.35 0.97
CA ASN B 135 7.04 -32.51 0.64
C ASN B 135 7.92 -33.75 0.48
N PRO B 136 7.41 -34.98 0.77
CA PRO B 136 8.26 -36.18 0.63
C PRO B 136 8.51 -36.57 -0.82
N GLY B 137 9.79 -36.77 -1.15
CA GLY B 137 10.25 -37.15 -2.49
C GLY B 137 10.69 -35.95 -3.32
N LYS B 138 9.79 -34.97 -3.49
CA LYS B 138 9.88 -33.72 -4.28
C LYS B 138 11.15 -32.85 -4.05
N HIS B 139 11.80 -32.89 -2.86
CA HIS B 139 13.02 -32.12 -2.49
C HIS B 139 12.85 -30.58 -2.47
N ASP B 140 11.67 -30.05 -2.88
CA ASP B 140 11.42 -28.62 -2.97
C ASP B 140 11.07 -27.95 -1.64
N GLY B 141 11.97 -28.08 -0.66
CA GLY B 141 11.79 -27.46 0.63
C GLY B 141 12.00 -25.95 0.62
N LEU B 142 12.92 -25.50 -0.22
CA LEU B 142 13.29 -24.09 -0.36
C LEU B 142 12.13 -23.14 -0.68
N THR B 143 11.21 -23.58 -1.53
CA THR B 143 10.11 -22.73 -1.98
C THR B 143 8.74 -23.18 -1.50
N GLN B 144 8.66 -24.36 -0.84
CA GLN B 144 7.40 -24.96 -0.41
C GLN B 144 7.30 -25.41 1.04
N ALA B 145 8.29 -25.08 1.91
CA ALA B 145 8.31 -25.53 3.31
C ALA B 145 7.15 -25.04 4.18
N TRP B 146 6.80 -23.75 4.04
CA TRP B 146 5.73 -23.11 4.79
C TRP B 146 4.34 -23.35 4.16
N LEU B 147 4.32 -23.70 2.87
CA LEU B 147 3.12 -23.98 2.09
C LEU B 147 2.43 -25.33 2.42
N SER B 148 1.91 -25.45 3.66
CA SER B 148 1.21 -26.62 4.25
C SER B 148 1.99 -27.95 4.06
N SER B 149 3.26 -28.01 4.54
CA SER B 149 4.10 -29.19 4.40
C SER B 149 4.93 -29.50 5.67
N SER B 150 6.28 -29.56 5.55
CA SER B 150 7.24 -29.88 6.60
C SER B 150 7.18 -28.95 7.80
N LEU B 151 7.31 -27.62 7.58
CA LEU B 151 7.29 -26.60 8.63
C LEU B 151 5.93 -26.53 9.34
N ALA B 152 5.97 -26.34 10.67
CA ALA B 152 4.84 -26.22 11.58
C ALA B 152 5.20 -25.41 12.82
N ILE B 153 4.34 -24.49 13.21
CA ILE B 153 4.54 -23.67 14.41
C ILE B 153 3.26 -23.70 15.28
N SER B 154 3.45 -23.75 16.59
CA SER B 154 2.34 -23.70 17.52
C SER B 154 2.04 -22.22 17.89
N PRO B 155 0.77 -21.86 18.21
CA PRO B 155 0.48 -20.45 18.57
C PRO B 155 1.37 -19.88 19.68
N GLN B 156 1.83 -20.75 20.62
CA GLN B 156 2.74 -20.41 21.73
C GLN B 156 4.07 -20.01 21.16
N GLU B 157 4.65 -20.88 20.30
CA GLU B 157 5.93 -20.67 19.63
C GLU B 157 5.93 -19.39 18.81
N GLN B 158 4.84 -19.11 18.05
CA GLN B 158 4.62 -17.88 17.24
C GLN B 158 4.75 -16.61 18.06
N ALA B 159 4.14 -16.59 19.26
CA ALA B 159 4.17 -15.52 20.27
C ALA B 159 5.58 -15.32 20.79
N ARG B 160 6.28 -16.44 21.06
CA ARG B 160 7.66 -16.45 21.55
C ARG B 160 8.57 -15.78 20.48
N PHE B 161 8.43 -16.22 19.20
CA PHE B 161 9.16 -15.69 18.05
C PHE B 161 8.93 -14.17 17.91
N LEU B 162 7.63 -13.76 17.84
CA LEU B 162 7.17 -12.37 17.73
C LEU B 162 7.73 -11.52 18.86
N GLY B 163 7.82 -12.10 20.06
CA GLY B 163 8.36 -11.47 21.27
C GLY B 163 9.85 -11.17 21.18
N LYS B 164 10.59 -12.00 20.45
CA LYS B 164 12.02 -11.82 20.23
C LYS B 164 12.26 -10.70 19.20
N LEU B 165 11.43 -10.62 18.12
CA LEU B 165 11.61 -9.58 17.13
C LEU B 165 11.17 -8.22 17.70
N VAL B 166 10.15 -8.19 18.56
CA VAL B 166 9.68 -6.95 19.18
C VAL B 166 10.61 -6.46 20.34
N SER B 167 11.40 -7.37 20.94
CA SER B 167 12.35 -7.07 22.04
C SER B 167 13.81 -6.79 21.60
N GLY B 168 14.07 -6.87 20.30
CA GLY B 168 15.41 -6.68 19.76
C GLY B 168 16.30 -7.89 20.00
N LYS B 169 15.68 -9.04 20.34
CA LYS B 169 16.40 -10.28 20.62
C LYS B 169 16.88 -11.02 19.36
N LEU B 170 16.24 -10.78 18.19
CA LEU B 170 16.67 -11.46 16.95
C LEU B 170 17.93 -10.77 16.36
N PRO B 171 18.84 -11.52 15.67
CA PRO B 171 20.10 -10.90 15.21
C PRO B 171 19.97 -10.02 13.96
N VAL B 172 19.01 -9.11 14.01
CA VAL B 172 18.70 -8.18 12.92
C VAL B 172 18.79 -6.75 13.44
N SER B 173 18.96 -5.80 12.52
CA SER B 173 19.08 -4.38 12.81
C SER B 173 17.73 -3.74 13.13
N ALA B 174 17.78 -2.47 13.62
CA ALA B 174 16.61 -1.65 13.93
C ALA B 174 15.83 -1.37 12.65
N GLN B 175 16.54 -0.96 11.57
CA GLN B 175 15.92 -0.67 10.28
C GLN B 175 15.31 -1.92 9.60
N THR B 176 15.83 -3.14 9.88
CA THR B 176 15.22 -4.38 9.38
C THR B 176 13.87 -4.53 10.09
N LEU B 177 13.82 -4.27 11.42
CA LEU B 177 12.61 -4.33 12.25
C LEU B 177 11.63 -3.28 11.81
N GLN B 178 12.11 -2.06 11.47
CA GLN B 178 11.24 -0.98 11.05
C GLN B 178 10.65 -1.22 9.65
N HIS B 179 11.46 -1.67 8.68
CA HIS B 179 10.93 -1.98 7.34
C HIS B 179 9.88 -3.10 7.41
N THR B 180 10.15 -4.16 8.21
CA THR B 180 9.25 -5.30 8.46
C THR B 180 7.92 -4.79 9.06
N ALA B 181 7.99 -3.85 10.03
CA ALA B 181 6.86 -3.23 10.71
C ALA B 181 5.98 -2.46 9.72
N ASN B 182 6.62 -1.62 8.89
CA ASN B 182 5.97 -0.78 7.90
C ASN B 182 5.14 -1.59 6.91
N ILE B 183 5.75 -2.59 6.23
CA ILE B 183 5.04 -3.45 5.28
C ILE B 183 3.94 -4.32 5.96
N LEU B 184 4.07 -4.61 7.28
CA LEU B 184 3.14 -5.41 8.09
C LEU B 184 2.12 -4.60 8.88
N ARG B 185 2.06 -3.26 8.66
CA ARG B 185 1.16 -2.38 9.41
C ARG B 185 -0.33 -2.57 9.11
N GLN B 186 -1.16 -2.36 10.16
CA GLN B 186 -2.62 -2.52 10.14
C GLN B 186 -3.32 -1.23 10.69
N PRO B 187 -4.67 -1.08 10.55
CA PRO B 187 -5.34 0.11 11.14
C PRO B 187 -5.16 0.14 12.66
N ASP B 188 -4.96 1.34 13.20
CA ASP B 188 -4.75 1.60 14.62
C ASP B 188 -6.01 1.35 15.47
N ILE B 189 -5.82 1.37 16.80
CA ILE B 189 -6.85 1.27 17.82
C ILE B 189 -6.47 2.32 18.88
N ASP B 190 -7.33 3.35 19.11
CA ASP B 190 -7.21 4.40 20.16
C ASP B 190 -5.75 4.85 20.54
N GLY B 191 -4.88 5.07 19.54
CA GLY B 191 -3.51 5.48 19.80
C GLY B 191 -2.46 4.39 19.74
N TRP B 192 -2.87 3.12 19.78
CA TRP B 192 -1.99 1.98 19.68
C TRP B 192 -1.65 1.68 18.19
N GLN B 193 -0.47 1.10 17.92
CA GLN B 193 -0.02 0.78 16.56
C GLN B 193 -0.07 -0.72 16.35
N ILE B 194 -0.87 -1.15 15.40
CA ILE B 194 -1.11 -2.55 15.11
C ILE B 194 -0.26 -3.01 13.92
N HIS B 195 0.41 -4.12 14.09
CA HIS B 195 1.20 -4.77 13.06
C HIS B 195 0.71 -6.20 13.10
N GLY B 196 0.28 -6.73 11.96
CA GLY B 196 -0.26 -8.08 11.90
C GLY B 196 -0.21 -8.74 10.53
N LYS B 197 -0.37 -10.09 10.51
CA LYS B 197 -0.33 -10.91 9.30
C LYS B 197 -1.32 -12.09 9.32
N THR B 198 -2.16 -12.18 8.27
CA THR B 198 -3.10 -13.30 8.10
C THR B 198 -2.37 -14.48 7.41
N GLY B 199 -2.83 -15.70 7.70
CA GLY B 199 -2.32 -16.94 7.11
C GLY B 199 -3.43 -17.95 6.92
N THR B 200 -3.39 -18.74 5.83
CA THR B 200 -4.38 -19.79 5.55
C THR B 200 -3.68 -21.07 5.10
N GLY B 201 -3.78 -22.10 5.93
CA GLY B 201 -3.19 -23.42 5.68
C GLY B 201 -4.13 -24.57 5.94
N TYR B 202 -3.58 -25.80 5.95
CA TYR B 202 -4.33 -27.03 6.19
C TYR B 202 -3.48 -28.05 6.98
N PRO B 203 -4.05 -28.82 7.93
CA PRO B 203 -3.24 -29.80 8.66
C PRO B 203 -3.12 -31.12 7.89
N LYS B 204 -2.37 -32.09 8.42
CA LYS B 204 -2.21 -33.40 7.75
C LYS B 204 -3.32 -34.31 8.26
N LEU B 205 -3.90 -35.13 7.39
CA LEU B 205 -5.03 -36.05 7.70
C LEU B 205 -4.50 -37.41 8.17
N LEU B 206 -3.17 -37.52 8.25
CA LEU B 206 -2.29 -38.65 8.66
C LEU B 206 -1.97 -39.55 7.48
N ASP B 207 -2.81 -39.55 6.44
CA ASP B 207 -2.48 -40.41 5.27
C ASP B 207 -1.15 -39.92 4.72
N GLY B 208 -0.04 -40.59 5.09
CA GLY B 208 1.32 -40.14 4.72
C GLY B 208 1.43 -38.66 5.03
N SER B 209 1.20 -37.84 4.01
CA SER B 209 1.13 -36.36 4.14
C SER B 209 -0.15 -35.95 3.41
N LEU B 210 -1.27 -35.89 4.12
CA LEU B 210 -2.59 -35.56 3.49
C LEU B 210 -3.06 -34.16 3.92
N ASP B 211 -4.32 -33.82 3.66
CA ASP B 211 -4.89 -32.50 4.04
C ASP B 211 -6.31 -32.72 4.59
N ARG B 212 -6.44 -32.65 5.92
CA ARG B 212 -7.59 -32.97 6.77
C ARG B 212 -8.88 -32.28 6.29
N ASP B 213 -8.76 -31.13 5.59
CA ASP B 213 -9.84 -30.25 5.11
C ASP B 213 -10.55 -29.55 6.32
N GLN B 214 -9.69 -29.01 7.19
CA GLN B 214 -9.95 -28.22 8.38
C GLN B 214 -9.04 -27.00 8.16
N GLN B 215 -9.49 -26.08 7.29
CA GLN B 215 -8.83 -24.83 6.93
C GLN B 215 -8.44 -24.03 8.19
N ILE B 216 -7.14 -23.67 8.31
CA ILE B 216 -6.60 -22.91 9.44
C ILE B 216 -6.40 -21.44 9.06
N GLY B 217 -7.01 -20.55 9.81
CA GLY B 217 -6.87 -19.11 9.66
C GLY B 217 -5.91 -18.60 10.72
N TRP B 218 -5.08 -17.63 10.38
CA TRP B 218 -4.12 -17.08 11.35
C TRP B 218 -4.20 -15.56 11.34
N PHE B 219 -4.16 -14.95 12.52
CA PHE B 219 -3.96 -13.51 12.67
C PHE B 219 -2.99 -13.26 13.82
N VAL B 220 -1.71 -13.08 13.44
CA VAL B 220 -0.59 -12.93 14.37
C VAL B 220 0.01 -11.58 14.24
N GLY B 221 0.53 -11.05 15.33
CA GLY B 221 1.12 -9.72 15.35
C GLY B 221 1.21 -9.07 16.70
N TRP B 222 1.47 -7.78 16.71
CA TRP B 222 1.64 -7.04 17.95
C TRP B 222 1.05 -5.67 17.83
N ALA B 223 0.74 -5.10 19.01
CA ALA B 223 0.19 -3.76 19.21
C ALA B 223 1.25 -2.96 19.98
N SER B 224 1.32 -1.63 19.76
CA SER B 224 2.31 -0.81 20.46
C SER B 224 1.90 0.66 20.71
N LYS B 225 2.16 1.12 21.95
CA LYS B 225 1.94 2.50 22.40
C LYS B 225 3.10 2.85 23.33
N GLN B 226 4.08 3.57 22.77
CA GLN B 226 5.35 4.00 23.33
C GLN B 226 6.14 2.77 23.88
N ASP B 227 6.43 2.77 25.19
CA ASP B 227 7.14 1.69 25.88
C ASP B 227 6.35 0.38 25.81
N GLN B 228 5.02 0.41 26.12
CA GLN B 228 4.08 -0.72 26.17
C GLN B 228 3.83 -1.44 24.83
N LYS B 229 4.06 -2.78 24.81
CA LYS B 229 3.87 -3.65 23.65
C LYS B 229 3.03 -4.88 24.03
N LEU B 230 2.34 -5.50 23.05
CA LEU B 230 1.48 -6.66 23.31
C LEU B 230 1.39 -7.56 22.10
N ILE B 231 1.85 -8.82 22.23
CA ILE B 231 1.79 -9.85 21.18
C ILE B 231 0.36 -10.45 21.22
N PHE B 232 -0.10 -11.03 20.08
CA PHE B 232 -1.39 -11.70 19.94
C PHE B 232 -1.31 -12.73 18.81
N VAL B 233 -1.90 -13.89 19.04
CA VAL B 233 -1.92 -15.00 18.09
C VAL B 233 -3.34 -15.56 18.10
N HIS B 234 -3.95 -15.74 16.93
CA HIS B 234 -5.29 -16.31 16.85
C HIS B 234 -5.46 -17.26 15.68
N THR B 235 -6.09 -18.42 15.92
CA THR B 235 -6.36 -19.40 14.87
C THR B 235 -7.85 -19.65 14.73
N VAL B 236 -8.31 -19.87 13.51
CA VAL B 236 -9.72 -20.18 13.23
C VAL B 236 -9.66 -21.50 12.50
N ILE B 237 -10.33 -22.51 13.04
CA ILE B 237 -10.39 -23.79 12.36
C ILE B 237 -11.81 -23.98 11.86
N GLN B 238 -11.96 -24.11 10.53
CA GLN B 238 -13.26 -24.27 9.89
C GLN B 238 -13.18 -25.02 8.57
N LYS B 239 -14.29 -25.65 8.16
CA LYS B 239 -14.44 -26.32 6.88
C LYS B 239 -14.44 -25.16 5.85
N PRO B 240 -13.72 -25.28 4.71
CA PRO B 240 -13.67 -24.15 3.77
C PRO B 240 -15.01 -23.66 3.21
N GLY B 241 -15.04 -22.37 2.92
CA GLY B 241 -16.17 -21.66 2.35
C GLY B 241 -15.74 -20.73 1.23
N LYS B 242 -16.63 -19.77 0.87
CA LYS B 242 -16.42 -18.75 -0.17
C LYS B 242 -15.26 -17.82 0.20
N GLN B 243 -15.19 -17.45 1.50
CA GLN B 243 -14.16 -16.60 2.10
C GLN B 243 -13.23 -17.40 3.04
N PHE B 244 -11.98 -16.92 3.17
CA PHE B 244 -10.89 -17.53 3.97
C PHE B 244 -11.07 -17.39 5.46
N ALA B 245 -10.63 -18.43 6.20
CA ALA B 245 -10.67 -18.54 7.65
C ALA B 245 -9.92 -17.41 8.37
N SER B 246 -8.83 -16.89 7.74
CA SER B 246 -7.96 -15.83 8.25
C SER B 246 -8.61 -14.45 8.36
N LEU B 247 -9.70 -14.24 7.62
CA LEU B 247 -10.40 -12.95 7.67
C LEU B 247 -11.35 -12.90 8.87
N ARG B 248 -11.75 -14.09 9.37
CA ARG B 248 -12.58 -14.27 10.55
C ARG B 248 -11.66 -14.17 11.77
N ALA B 249 -10.36 -14.45 11.57
CA ALA B 249 -9.34 -14.37 12.62
C ALA B 249 -9.00 -12.90 12.90
N ARG B 250 -8.68 -12.12 11.82
CA ARG B 250 -8.35 -10.69 11.82
C ARG B 250 -9.46 -9.86 12.46
N GLU B 251 -10.71 -10.19 12.11
CA GLU B 251 -11.95 -9.60 12.62
C GLU B 251 -12.05 -9.77 14.14
N GLU B 252 -11.88 -11.02 14.62
CA GLU B 252 -11.98 -11.43 16.03
C GLU B 252 -10.88 -10.83 16.91
N VAL B 253 -9.71 -10.56 16.34
CA VAL B 253 -8.60 -9.95 17.05
C VAL B 253 -8.93 -8.48 17.30
N PHE B 254 -9.40 -7.78 16.24
CA PHE B 254 -9.77 -6.36 16.31
C PHE B 254 -10.97 -6.11 17.22
N ALA B 255 -11.81 -7.15 17.42
CA ALA B 255 -12.97 -7.08 18.31
C ALA B 255 -12.46 -7.11 19.76
N ALA B 256 -11.75 -8.21 20.13
CA ALA B 256 -11.20 -8.54 21.45
C ALA B 256 -9.88 -7.85 21.87
N LEU B 257 -9.24 -7.02 21.01
CA LEU B 257 -8.00 -6.33 21.38
C LEU B 257 -8.15 -5.14 22.35
N PRO B 258 -9.12 -4.21 22.18
CA PRO B 258 -9.17 -3.07 23.11
C PRO B 258 -9.25 -3.42 24.61
N GLU B 259 -9.91 -4.53 24.97
CA GLU B 259 -9.93 -4.93 26.38
C GLU B 259 -8.53 -5.31 26.90
N GLN B 260 -7.73 -6.02 26.08
CA GLN B 260 -6.39 -6.48 26.45
C GLN B 260 -5.43 -5.31 26.58
N LEU B 261 -5.64 -4.28 25.75
CA LEU B 261 -4.85 -3.05 25.72
C LEU B 261 -5.18 -2.26 26.99
N LYS B 262 -6.49 -2.19 27.33
CA LYS B 262 -7.02 -1.50 28.51
C LYS B 262 -6.48 -2.21 29.77
N LYS B 263 -6.49 -3.57 29.78
CA LYS B 263 -5.96 -4.41 30.85
C LYS B 263 -4.47 -4.15 31.03
N LEU B 264 -3.75 -3.94 29.91
CA LEU B 264 -2.31 -3.68 29.85
C LEU B 264 -1.97 -2.31 30.45
N VAL B 265 -2.93 -1.36 30.43
CA VAL B 265 -2.74 0.00 30.97
C VAL B 265 -3.47 0.19 32.31
S SO4 C . -4.34 6.73 -13.97
O1 SO4 C . -5.37 5.69 -14.10
O2 SO4 C . -3.52 6.81 -15.17
O3 SO4 C . -5.00 8.01 -13.77
O4 SO4 C . -3.50 6.43 -12.82
S SO4 D . -3.92 34.76 -15.56
O3 SO4 D . -5.16 34.02 -15.86
O4 SO4 D . -2.99 34.66 -16.69
S SO4 E . -4.14 -15.37 3.47
O1 SO4 E . -5.55 -15.41 3.84
O2 SO4 E . -4.03 -15.12 2.02
O3 SO4 E . -3.48 -14.29 4.22
O4 SO4 E . -3.51 -16.65 3.80
#